data_1OYZ
#
_entry.id   1OYZ
#
_cell.length_a   71.242
_cell.length_b   104.190
_cell.length_c   79.963
_cell.angle_alpha   90.00
_cell.angle_beta   90.00
_cell.angle_gamma   90.00
#
_symmetry.space_group_name_H-M   'C 2 2 21'
#
loop_
_entity.id
_entity.type
_entity.pdbx_description
1 polymer 'Hypothetical protein yibA'
2 water water
#
_entity_poly.entity_id   1
_entity_poly.type   'polypeptide(L)'
_entity_poly.pdbx_seq_one_letter_code
;(MSE)SNTYQKRKASKEYGLYNQCKKLNDDELFRLLDDHNSLKRISSARVLQLRGGQDAVRLAIEFCSDKNYIRRDIGAF
ILGQIKICKKCEDNVFNILNN(MSE)ALNDKSACVRATAIESTAQRCKKNPIYSPKIVEQSQITAFDKSTNVRRATAFAI
SVINDKATIPLLINLLKDPNGDVRNWAAFAININKYDNSDIRDCFVE(MSE)LQDKNEEVRIEAIIGLSYRKDKRVLSVL
CDELKKNTVYDDIIEAAGELGDKTLLPVLDT(MSE)LYKFDDNEIITSAIDKLKRS
;
_entity_poly.pdbx_strand_id   A
#
# COMPACT_ATOMS: atom_id res chain seq x y z
N TYR A 5 25.77 -3.17 -3.55
CA TYR A 5 25.64 -2.20 -4.68
C TYR A 5 24.57 -1.13 -4.40
N GLN A 6 23.38 -1.55 -3.98
CA GLN A 6 22.30 -0.61 -3.70
C GLN A 6 22.43 0.24 -2.45
N LYS A 7 21.98 1.48 -2.55
CA LYS A 7 22.05 2.39 -1.43
C LYS A 7 20.87 3.33 -1.46
N ARG A 8 20.87 4.30 -0.56
CA ARG A 8 19.77 5.25 -0.50
C ARG A 8 20.19 6.54 0.20
N LYS A 9 19.59 7.63 -0.23
CA LYS A 9 19.89 8.95 0.30
C LYS A 9 18.77 9.43 1.20
N ALA A 10 19.16 10.27 2.16
CA ALA A 10 18.22 10.83 3.11
C ALA A 10 17.18 11.68 2.42
N SER A 11 15.92 11.54 2.86
CA SER A 11 14.78 12.28 2.32
C SER A 11 15.05 13.78 2.17
N LYS A 12 14.45 14.38 1.15
CA LYS A 12 14.63 15.81 0.91
C LYS A 12 13.96 16.66 1.98
N GLU A 13 13.00 16.08 2.69
CA GLU A 13 12.29 16.83 3.71
C GLU A 13 12.95 16.72 5.07
N TYR A 14 13.85 15.76 5.23
CA TYR A 14 14.51 15.54 6.51
C TYR A 14 15.03 16.83 7.14
N GLY A 15 15.79 17.61 6.36
CA GLY A 15 16.34 18.86 6.85
C GLY A 15 15.29 19.73 7.52
N LEU A 16 14.17 19.93 6.83
CA LEU A 16 13.09 20.74 7.33
C LEU A 16 12.44 20.08 8.55
N TYR A 17 12.39 18.78 8.55
CA TYR A 17 11.81 18.05 9.66
C TYR A 17 12.64 18.32 10.94
N ASN A 18 13.96 18.28 10.81
CA ASN A 18 14.86 18.55 11.93
C ASN A 18 14.70 19.98 12.40
N GLN A 19 14.47 20.92 11.48
CA GLN A 19 14.28 22.30 11.93
C GLN A 19 13.03 22.38 12.80
N CYS A 20 11.94 21.74 12.36
CA CYS A 20 10.68 21.75 13.09
C CYS A 20 10.84 21.22 14.50
N LYS A 21 11.69 20.21 14.66
CA LYS A 21 11.93 19.63 15.96
C LYS A 21 12.47 20.63 16.98
N LYS A 22 13.15 21.68 16.52
CA LYS A 22 13.68 22.69 17.44
C LYS A 22 12.58 23.55 18.06
N LEU A 23 11.40 23.53 17.45
CA LEU A 23 10.25 24.32 17.92
C LEU A 23 9.48 23.76 19.12
N ASN A 24 8.86 24.63 19.93
CA ASN A 24 8.05 24.14 21.05
C ASN A 24 6.62 23.82 20.57
N ASP A 25 5.83 23.15 21.40
CA ASP A 25 4.47 22.78 21.00
C ASP A 25 3.66 23.93 20.45
N ASP A 26 3.60 25.00 21.23
CA ASP A 26 2.86 26.19 20.85
C ASP A 26 3.18 26.62 19.43
N GLU A 27 4.46 26.54 19.04
CA GLU A 27 4.87 26.95 17.70
C GLU A 27 4.45 25.93 16.65
N LEU A 28 4.55 24.66 17.01
CA LEU A 28 4.18 23.60 16.09
C LEU A 28 2.69 23.66 15.82
N PHE A 29 1.91 23.83 16.90
CA PHE A 29 0.47 23.93 16.78
C PHE A 29 0.10 25.03 15.80
N ARG A 30 0.76 26.17 15.90
CA ARG A 30 0.44 27.25 15.00
C ARG A 30 0.76 26.85 13.54
N LEU A 31 1.91 26.19 13.35
CA LEU A 31 2.33 25.76 12.02
C LEU A 31 1.32 24.81 11.37
N LEU A 32 0.47 24.16 12.16
CA LEU A 32 -0.51 23.26 11.58
C LEU A 32 -1.46 24.05 10.68
N ASP A 33 -1.55 25.36 10.91
CA ASP A 33 -2.41 26.23 10.13
C ASP A 33 -1.68 27.03 9.07
N ASP A 34 -0.46 26.62 8.74
CA ASP A 34 0.32 27.31 7.74
C ASP A 34 -0.32 27.09 6.37
N HIS A 35 -0.06 27.98 5.42
CA HIS A 35 -0.63 27.83 4.07
C HIS A 35 0.12 26.80 3.23
N ASN A 36 1.34 26.47 3.63
CA ASN A 36 2.11 25.49 2.89
C ASN A 36 1.87 24.09 3.46
N SER A 37 1.57 23.18 2.56
CA SER A 37 1.27 21.81 2.92
C SER A 37 2.40 21.10 3.65
N LEU A 38 3.60 21.18 3.07
CA LEU A 38 4.78 20.55 3.64
C LEU A 38 5.06 21.06 5.03
N LYS A 39 4.81 22.35 5.25
CA LYS A 39 5.01 22.92 6.55
C LYS A 39 4.04 22.30 7.56
N ARG A 40 2.80 22.11 7.15
CA ARG A 40 1.82 21.53 8.05
C ARG A 40 2.15 20.08 8.41
N ILE A 41 2.58 19.33 7.41
CA ILE A 41 2.91 17.94 7.60
C ILE A 41 4.13 17.72 8.50
N SER A 42 5.19 18.49 8.22
CA SER A 42 6.44 18.41 8.94
C SER A 42 6.17 18.65 10.43
N SER A 43 5.46 19.73 10.72
CA SER A 43 5.09 20.08 12.08
C SER A 43 4.34 18.90 12.71
N ALA A 44 3.32 18.41 12.02
CA ALA A 44 2.54 17.29 12.52
C ALA A 44 3.42 16.07 12.76
N ARG A 45 4.41 15.84 11.90
CA ARG A 45 5.28 14.69 12.10
C ARG A 45 6.02 14.84 13.42
N VAL A 46 6.50 16.04 13.73
CA VAL A 46 7.21 16.24 14.98
C VAL A 46 6.24 15.95 16.11
N LEU A 47 5.00 16.39 15.92
CA LEU A 47 3.99 16.16 16.96
C LEU A 47 3.73 14.65 17.16
N GLN A 48 3.68 13.90 16.06
CA GLN A 48 3.44 12.46 16.19
C GLN A 48 4.58 11.81 16.97
N LEU A 49 5.79 12.35 16.81
CA LEU A 49 6.99 11.82 17.48
C LEU A 49 7.07 12.11 18.99
N ARG A 50 6.92 13.38 19.36
CA ARG A 50 7.03 13.77 20.77
C ARG A 50 5.68 13.78 21.43
N GLY A 51 4.69 14.11 20.61
CA GLY A 51 3.31 14.23 21.03
C GLY A 51 2.91 13.85 22.43
N GLY A 52 2.40 14.83 23.17
CA GLY A 52 1.92 14.59 24.52
C GLY A 52 0.44 14.91 24.59
N GLN A 53 -0.14 14.85 25.78
CA GLN A 53 -1.57 15.13 25.97
C GLN A 53 -2.06 16.39 25.30
N ASP A 54 -1.31 17.48 25.40
CA ASP A 54 -1.75 18.71 24.77
C ASP A 54 -1.85 18.48 23.26
N ALA A 55 -0.91 17.75 22.66
CA ALA A 55 -1.01 17.52 21.22
C ALA A 55 -2.19 16.59 20.91
N VAL A 56 -2.39 15.55 21.71
CA VAL A 56 -3.51 14.63 21.45
C VAL A 56 -4.86 15.39 21.48
N ARG A 57 -5.08 16.16 22.54
CA ARG A 57 -6.34 16.91 22.66
C ARG A 57 -6.58 17.86 21.50
N LEU A 58 -5.57 18.62 21.14
CA LEU A 58 -5.69 19.55 20.05
C LEU A 58 -6.03 18.79 18.76
N ALA A 59 -5.41 17.63 18.57
CA ALA A 59 -5.67 16.83 17.36
C ALA A 59 -7.13 16.40 17.30
N ILE A 60 -7.64 15.94 18.45
CA ILE A 60 -9.03 15.54 18.58
C ILE A 60 -9.92 16.74 18.26
N GLU A 61 -9.69 17.87 18.92
CA GLU A 61 -10.52 19.03 18.60
C GLU A 61 -10.48 19.35 17.10
N PHE A 62 -9.28 19.36 16.53
CA PHE A 62 -9.14 19.63 15.10
C PHE A 62 -10.01 18.67 14.30
N CYS A 63 -10.21 17.48 14.84
CA CYS A 63 -11.04 16.50 14.16
C CYS A 63 -12.46 16.99 13.95
N SER A 64 -12.88 17.96 14.76
CA SER A 64 -14.23 18.52 14.65
C SER A 64 -14.27 19.90 14.03
N ASP A 65 -13.15 20.35 13.50
CA ASP A 65 -13.11 21.68 12.92
C ASP A 65 -13.90 21.75 11.62
N LYS A 66 -14.37 22.96 11.31
CA LYS A 66 -15.13 23.21 10.11
C LYS A 66 -14.17 23.13 8.92
N ASN A 67 -12.91 23.49 9.15
CA ASN A 67 -11.93 23.45 8.07
C ASN A 67 -11.42 22.01 7.87
N TYR A 68 -11.61 21.46 6.66
CA TYR A 68 -11.22 20.09 6.39
C TYR A 68 -9.71 19.89 6.46
N ILE A 69 -8.97 20.96 6.29
CA ILE A 69 -7.52 20.86 6.37
C ILE A 69 -7.14 20.53 7.81
N ARG A 70 -7.79 21.18 8.76
CA ARG A 70 -7.53 20.88 10.16
C ARG A 70 -7.98 19.48 10.51
N ARG A 71 -9.11 19.04 9.95
CA ARG A 71 -9.60 17.71 10.28
C ARG A 71 -8.63 16.64 9.76
N ASP A 72 -8.13 16.86 8.56
CA ASP A 72 -7.22 15.94 7.95
C ASP A 72 -5.95 15.85 8.81
N ILE A 73 -5.37 17.00 9.11
CA ILE A 73 -4.19 17.08 9.94
C ILE A 73 -4.37 16.45 11.34
N GLY A 74 -5.55 16.64 11.93
CA GLY A 74 -5.79 16.05 13.23
C GLY A 74 -5.84 14.54 13.18
N ALA A 75 -6.53 14.02 12.17
CA ALA A 75 -6.65 12.58 11.98
C ALA A 75 -5.28 12.00 11.63
N PHE A 76 -4.48 12.74 10.87
CA PHE A 76 -3.14 12.27 10.51
C PHE A 76 -2.31 12.13 11.80
N ILE A 77 -2.28 13.18 12.60
CA ILE A 77 -1.52 13.15 13.84
C ILE A 77 -1.94 11.96 14.69
N LEU A 78 -3.25 11.81 14.82
CA LEU A 78 -3.85 10.76 15.62
C LEU A 78 -3.48 9.33 15.18
N GLY A 79 -3.08 9.15 13.93
CA GLY A 79 -2.73 7.80 13.50
C GLY A 79 -1.41 7.25 14.04
N GLN A 80 -0.50 8.12 14.46
CA GLN A 80 0.77 7.62 14.96
C GLN A 80 1.24 8.13 16.35
N ILE A 81 0.61 9.19 16.85
CA ILE A 81 0.98 9.77 18.14
C ILE A 81 0.69 8.77 19.25
N LYS A 82 1.49 8.81 20.32
CA LYS A 82 1.24 7.91 21.45
C LYS A 82 0.05 8.42 22.26
N ILE A 83 -0.81 7.52 22.70
CA ILE A 83 -1.99 7.87 23.47
C ILE A 83 -2.20 6.90 24.62
N CYS A 84 -2.61 7.44 25.75
CA CYS A 84 -2.86 6.64 26.92
C CYS A 84 -3.82 5.50 26.58
N LYS A 85 -3.77 4.48 27.42
CA LYS A 85 -4.61 3.31 27.26
C LYS A 85 -6.08 3.63 27.45
N LYS A 86 -6.36 4.73 28.14
CA LYS A 86 -7.74 5.09 28.40
C LYS A 86 -8.36 6.04 27.40
N CYS A 87 -7.62 6.35 26.34
CA CYS A 87 -8.13 7.23 25.32
C CYS A 87 -8.03 6.55 23.97
N GLU A 88 -7.30 5.44 23.92
CA GLU A 88 -7.08 4.72 22.68
C GLU A 88 -8.38 4.33 21.96
N ASP A 89 -9.31 3.70 22.67
CA ASP A 89 -10.58 3.32 22.03
C ASP A 89 -11.33 4.53 21.49
N ASN A 90 -11.38 5.60 22.26
CA ASN A 90 -12.08 6.80 21.83
C ASN A 90 -11.44 7.40 20.57
N VAL A 91 -10.10 7.38 20.50
CA VAL A 91 -9.44 7.93 19.33
C VAL A 91 -9.72 7.05 18.13
N PHE A 92 -9.65 5.75 18.32
CA PHE A 92 -9.94 4.85 17.23
C PHE A 92 -11.35 5.14 16.73
N ASN A 93 -12.31 5.20 17.64
CA ASN A 93 -13.69 5.47 17.26
C ASN A 93 -13.81 6.77 16.52
N ILE A 94 -13.06 7.77 16.96
CA ILE A 94 -13.10 9.03 16.26
C ILE A 94 -12.62 8.85 14.81
N LEU A 95 -11.53 8.11 14.60
CA LEU A 95 -11.00 7.92 13.25
C LEU A 95 -11.93 7.08 12.37
N ASN A 96 -12.42 6.02 12.96
CA ASN A 96 -13.33 5.08 12.28
C ASN A 96 -14.55 5.86 11.77
N ASN A 97 -15.09 6.71 12.63
CA ASN A 97 -16.23 7.49 12.23
C ASN A 97 -15.90 8.45 11.08
N MSE A 98 -14.80 9.16 11.19
CA MSE A 98 -14.43 10.08 10.09
C MSE A 98 -14.19 9.30 8.79
O MSE A 98 -14.60 9.73 7.71
CB MSE A 98 -13.13 10.84 10.44
CG MSE A 98 -13.27 11.66 11.71
SE MSE A 98 -11.52 12.33 12.37
CE MSE A 98 -11.36 13.82 11.10
N ALA A 99 -13.52 8.17 8.91
CA ALA A 99 -13.23 7.36 7.74
C ALA A 99 -14.53 7.02 7.01
N LEU A 100 -15.63 6.92 7.75
CA LEU A 100 -16.89 6.53 7.15
C LEU A 100 -17.86 7.68 6.82
N ASN A 101 -17.81 8.74 7.63
CA ASN A 101 -18.74 9.88 7.51
C ASN A 101 -18.21 11.25 7.20
N ASP A 102 -16.89 11.46 7.12
CA ASP A 102 -16.46 12.81 6.84
C ASP A 102 -16.83 13.25 5.44
N LYS A 103 -17.34 14.46 5.34
CA LYS A 103 -17.73 15.00 4.06
C LYS A 103 -16.58 15.24 3.11
N SER A 104 -15.35 15.19 3.58
CA SER A 104 -14.21 15.39 2.70
C SER A 104 -13.56 14.05 2.40
N ALA A 105 -13.41 13.72 1.12
CA ALA A 105 -12.81 12.47 0.76
C ALA A 105 -11.35 12.47 1.26
N CYS A 106 -10.69 13.63 1.24
CA CYS A 106 -9.31 13.71 1.73
C CYS A 106 -9.26 13.24 3.16
N VAL A 107 -10.13 13.81 3.99
CA VAL A 107 -10.20 13.40 5.37
C VAL A 107 -10.45 11.91 5.52
N ARG A 108 -11.43 11.37 4.77
CA ARG A 108 -11.77 9.96 4.88
C ARG A 108 -10.55 9.09 4.60
N ALA A 109 -9.83 9.40 3.53
CA ALA A 109 -8.62 8.66 3.15
C ALA A 109 -7.56 8.66 4.29
N THR A 110 -7.22 9.83 4.80
CA THR A 110 -6.26 9.96 5.89
C THR A 110 -6.72 9.17 7.12
N ALA A 111 -7.98 9.33 7.48
CA ALA A 111 -8.52 8.64 8.65
C ALA A 111 -8.38 7.13 8.52
N ILE A 112 -8.73 6.58 7.35
CA ILE A 112 -8.60 5.14 7.13
C ILE A 112 -7.10 4.77 7.29
N GLU A 113 -6.19 5.56 6.73
CA GLU A 113 -4.76 5.25 6.90
C GLU A 113 -4.39 5.30 8.39
N SER A 114 -4.94 6.28 9.13
CA SER A 114 -4.67 6.35 10.56
C SER A 114 -5.29 5.16 11.33
N THR A 115 -6.49 4.67 10.96
CA THR A 115 -7.03 3.52 11.71
C THR A 115 -6.12 2.30 11.46
N ALA A 116 -5.49 2.27 10.30
CA ALA A 116 -4.58 1.16 9.94
C ALA A 116 -3.36 1.23 10.87
N GLN A 117 -2.80 2.44 10.99
CA GLN A 117 -1.65 2.66 11.85
C GLN A 117 -1.98 2.16 13.26
N ARG A 118 -3.10 2.62 13.80
CA ARG A 118 -3.49 2.24 15.15
C ARG A 118 -3.72 0.73 15.30
N CYS A 119 -4.26 0.08 14.28
CA CYS A 119 -4.51 -1.35 14.36
C CYS A 119 -3.19 -2.12 14.43
N LYS A 120 -2.24 -1.72 13.60
CA LYS A 120 -0.97 -2.40 13.61
C LYS A 120 -0.39 -2.37 15.04
N LYS A 121 -0.47 -1.21 15.71
CA LYS A 121 0.05 -1.12 17.06
C LYS A 121 -0.83 -1.85 18.09
N ASN A 122 -2.08 -2.11 17.75
CA ASN A 122 -2.96 -2.78 18.69
C ASN A 122 -4.07 -3.44 17.89
N PRO A 123 -3.83 -4.70 17.51
CA PRO A 123 -4.71 -5.58 16.72
C PRO A 123 -6.13 -5.76 17.25
N ILE A 124 -6.42 -5.34 18.48
CA ILE A 124 -7.77 -5.52 18.97
C ILE A 124 -8.78 -4.84 18.04
N TYR A 125 -8.31 -3.89 17.24
CA TYR A 125 -9.16 -3.15 16.31
C TYR A 125 -9.40 -3.79 14.94
N SER A 126 -8.76 -4.93 14.69
CA SER A 126 -8.88 -5.62 13.41
C SER A 126 -10.30 -5.88 12.95
N PRO A 127 -11.10 -6.55 13.78
CA PRO A 127 -12.49 -6.82 13.41
C PRO A 127 -13.16 -5.54 12.87
N LYS A 128 -13.01 -4.44 13.60
CA LYS A 128 -13.58 -3.17 13.17
C LYS A 128 -13.00 -2.67 11.86
N ILE A 129 -11.70 -2.87 11.64
CA ILE A 129 -11.06 -2.45 10.40
C ILE A 129 -11.70 -3.21 9.23
N VAL A 130 -12.05 -4.46 9.46
CA VAL A 130 -12.66 -5.25 8.41
C VAL A 130 -14.06 -4.71 8.03
N GLU A 131 -14.88 -4.45 9.05
CA GLU A 131 -16.22 -3.95 8.85
C GLU A 131 -16.11 -2.62 8.16
N GLN A 132 -15.09 -1.86 8.57
CA GLN A 132 -14.86 -0.54 8.00
C GLN A 132 -14.56 -0.65 6.51
N SER A 133 -13.69 -1.60 6.14
CA SER A 133 -13.31 -1.75 4.74
C SER A 133 -14.48 -2.32 3.93
N GLN A 134 -15.35 -3.07 4.58
CA GLN A 134 -16.51 -3.60 3.86
C GLN A 134 -17.34 -2.50 3.25
N ILE A 135 -17.25 -1.29 3.78
CA ILE A 135 -18.02 -0.24 3.17
C ILE A 135 -17.09 0.75 2.47
N THR A 136 -15.91 1.00 3.03
CA THR A 136 -15.04 1.97 2.41
C THR A 136 -14.42 1.50 1.10
N ALA A 137 -14.29 0.19 0.93
CA ALA A 137 -13.73 -0.32 -0.30
C ALA A 137 -14.68 0.08 -1.46
N PHE A 138 -15.91 0.49 -1.14
CA PHE A 138 -16.84 0.89 -2.20
C PHE A 138 -17.03 2.41 -2.30
N ASP A 139 -16.21 3.18 -1.58
CA ASP A 139 -16.33 4.63 -1.63
C ASP A 139 -16.16 5.14 -3.05
N LYS A 140 -16.78 6.27 -3.35
CA LYS A 140 -16.71 6.85 -4.67
C LYS A 140 -15.35 7.47 -4.91
N SER A 141 -14.64 7.80 -3.84
CA SER A 141 -13.32 8.40 -3.97
C SER A 141 -12.22 7.36 -4.14
N THR A 142 -11.36 7.57 -5.14
CA THR A 142 -10.24 6.66 -5.39
C THR A 142 -9.25 6.73 -4.25
N ASN A 143 -9.02 7.93 -3.74
CA ASN A 143 -8.08 8.07 -2.63
C ASN A 143 -8.55 7.20 -1.49
N VAL A 144 -9.86 7.20 -1.24
CA VAL A 144 -10.41 6.39 -0.16
C VAL A 144 -10.26 4.91 -0.44
N ARG A 145 -10.63 4.48 -1.64
CA ARG A 145 -10.48 3.08 -1.99
C ARG A 145 -9.00 2.69 -1.87
N ARG A 146 -8.10 3.54 -2.34
CA ARG A 146 -6.66 3.27 -2.23
C ARG A 146 -6.30 3.08 -0.76
N ALA A 147 -6.69 4.03 0.08
CA ALA A 147 -6.36 3.93 1.49
C ALA A 147 -6.97 2.66 2.06
N THR A 148 -8.09 2.21 1.50
CA THR A 148 -8.74 1.00 1.99
C THR A 148 -7.85 -0.17 1.63
N ALA A 149 -7.23 -0.12 0.45
CA ALA A 149 -6.35 -1.23 0.06
C ALA A 149 -5.23 -1.37 1.10
N PHE A 150 -4.62 -0.25 1.45
CA PHE A 150 -3.57 -0.25 2.45
C PHE A 150 -4.04 -0.87 3.75
N ALA A 151 -5.19 -0.40 4.20
CA ALA A 151 -5.78 -0.88 5.43
C ALA A 151 -5.89 -2.39 5.46
N ILE A 152 -6.56 -2.94 4.45
CA ILE A 152 -6.76 -4.38 4.38
C ILE A 152 -5.45 -5.14 4.50
N SER A 153 -4.44 -4.68 3.78
CA SER A 153 -3.14 -5.34 3.81
C SER A 153 -2.61 -5.43 5.24
N VAL A 154 -3.03 -4.52 6.10
CA VAL A 154 -2.56 -4.54 7.48
C VAL A 154 -3.20 -5.68 8.28
N ILE A 155 -4.09 -6.43 7.66
CA ILE A 155 -4.76 -7.53 8.34
C ILE A 155 -5.10 -8.64 7.36
N ALA A 159 -13.53 -12.98 5.13
CA ALA A 159 -12.21 -12.43 4.85
C ALA A 159 -12.37 -11.15 4.02
N THR A 160 -11.24 -10.50 3.76
CA THR A 160 -11.26 -9.30 2.97
C THR A 160 -11.15 -9.68 1.49
N ILE A 161 -10.83 -10.95 1.25
CA ILE A 161 -10.68 -11.48 -0.09
C ILE A 161 -11.66 -10.90 -1.10
N PRO A 162 -12.95 -11.02 -0.82
CA PRO A 162 -13.98 -10.50 -1.71
C PRO A 162 -13.76 -9.02 -2.00
N LEU A 163 -13.34 -8.26 -0.99
CA LEU A 163 -13.10 -6.82 -1.16
C LEU A 163 -11.93 -6.67 -2.14
N LEU A 164 -10.86 -7.41 -1.83
CA LEU A 164 -9.66 -7.47 -2.64
C LEU A 164 -10.01 -7.74 -4.11
N ILE A 165 -10.85 -8.73 -4.34
CA ILE A 165 -11.26 -9.07 -5.69
C ILE A 165 -11.94 -7.89 -6.35
N ASN A 166 -12.86 -7.22 -5.64
CA ASN A 166 -13.51 -6.07 -6.27
C ASN A 166 -12.49 -4.96 -6.58
N LEU A 167 -11.48 -4.79 -5.73
CA LEU A 167 -10.46 -3.76 -5.95
C LEU A 167 -9.58 -4.11 -7.15
N LEU A 168 -9.45 -5.40 -7.44
CA LEU A 168 -8.67 -5.79 -8.60
C LEU A 168 -9.38 -5.23 -9.83
N LYS A 169 -10.70 -5.06 -9.73
CA LYS A 169 -11.49 -4.56 -10.83
C LYS A 169 -11.64 -3.07 -10.81
N ASP A 170 -10.87 -2.43 -9.94
CA ASP A 170 -10.97 -1.00 -9.82
C ASP A 170 -10.56 -0.23 -11.05
N PRO A 171 -11.22 0.90 -11.30
CA PRO A 171 -10.91 1.75 -12.46
C PRO A 171 -9.56 2.39 -12.27
N ASN A 172 -9.11 2.49 -11.03
CA ASN A 172 -7.81 3.08 -10.81
C ASN A 172 -6.71 2.03 -10.83
N GLY A 173 -5.67 2.29 -11.62
CA GLY A 173 -4.56 1.35 -11.76
C GLY A 173 -3.77 1.17 -10.48
N ASP A 174 -3.63 2.25 -9.74
CA ASP A 174 -2.92 2.24 -8.46
C ASP A 174 -3.66 1.32 -7.45
N VAL A 175 -4.99 1.45 -7.40
CA VAL A 175 -5.81 0.61 -6.53
C VAL A 175 -5.65 -0.88 -6.93
N ARG A 176 -5.79 -1.17 -8.23
CA ARG A 176 -5.64 -2.57 -8.71
C ARG A 176 -4.26 -3.15 -8.34
N ASN A 177 -3.21 -2.34 -8.49
CA ASN A 177 -1.87 -2.80 -8.17
C ASN A 177 -1.76 -3.17 -6.68
N TRP A 178 -2.29 -2.31 -5.82
CA TRP A 178 -2.26 -2.57 -4.39
C TRP A 178 -3.03 -3.83 -4.01
N ALA A 179 -4.17 -4.03 -4.64
CA ALA A 179 -4.99 -5.21 -4.35
C ALA A 179 -4.22 -6.46 -4.70
N ALA A 180 -3.76 -6.51 -5.95
CA ALA A 180 -3.00 -7.65 -6.47
C ALA A 180 -1.78 -7.83 -5.60
N PHE A 181 -1.16 -6.71 -5.28
CA PHE A 181 0.03 -6.71 -4.46
C PHE A 181 -0.24 -7.36 -3.11
N ALA A 182 -1.35 -7.00 -2.48
CA ALA A 182 -1.63 -7.60 -1.17
C ALA A 182 -2.06 -9.08 -1.30
N ILE A 183 -2.69 -9.43 -2.43
CA ILE A 183 -3.09 -10.80 -2.68
C ILE A 183 -1.85 -11.66 -2.83
N ASN A 184 -0.85 -11.14 -3.52
CA ASN A 184 0.34 -11.93 -3.70
C ASN A 184 1.04 -12.11 -2.35
N ILE A 185 1.15 -11.00 -1.61
CA ILE A 185 1.76 -10.95 -0.29
C ILE A 185 1.18 -12.01 0.66
N ASN A 186 -0.14 -12.18 0.63
CA ASN A 186 -0.78 -13.15 1.49
C ASN A 186 -0.99 -14.52 0.84
N LYS A 187 -0.55 -14.65 -0.41
CA LYS A 187 -0.69 -15.91 -1.14
C LYS A 187 -2.12 -16.41 -1.19
N TYR A 188 -3.07 -15.49 -1.31
CA TYR A 188 -4.46 -15.86 -1.39
C TYR A 188 -4.69 -16.47 -2.78
N ASP A 189 -5.50 -17.51 -2.85
CA ASP A 189 -5.72 -18.14 -4.14
C ASP A 189 -7.08 -18.82 -4.27
N ASN A 190 -7.69 -18.63 -5.43
CA ASN A 190 -8.96 -19.23 -5.77
C ASN A 190 -9.24 -18.95 -7.24
N SER A 191 -10.21 -19.63 -7.79
CA SER A 191 -10.52 -19.48 -9.19
C SER A 191 -10.72 -18.02 -9.60
N ASP A 192 -11.43 -17.27 -8.75
CA ASP A 192 -11.69 -15.88 -9.05
C ASP A 192 -10.46 -14.99 -9.17
N ILE A 193 -9.50 -15.18 -8.28
CA ILE A 193 -8.29 -14.38 -8.30
C ILE A 193 -7.46 -14.79 -9.51
N ARG A 194 -7.37 -16.08 -9.78
CA ARG A 194 -6.61 -16.47 -10.95
C ARG A 194 -7.22 -15.86 -12.19
N ASP A 195 -8.54 -15.98 -12.34
CA ASP A 195 -9.17 -15.41 -13.53
C ASP A 195 -8.95 -13.90 -13.58
N CYS A 196 -8.98 -13.22 -12.44
CA CYS A 196 -8.76 -11.77 -12.52
C CYS A 196 -7.31 -11.52 -12.93
N PHE A 197 -6.37 -12.33 -12.46
CA PHE A 197 -5.00 -12.13 -12.86
C PHE A 197 -4.82 -12.36 -14.37
N VAL A 198 -5.41 -13.43 -14.92
CA VAL A 198 -5.29 -13.71 -16.36
C VAL A 198 -5.75 -12.47 -17.14
N GLU A 199 -6.86 -11.87 -16.72
CA GLU A 199 -7.37 -10.68 -17.38
C GLU A 199 -6.41 -9.53 -17.23
N MSE A 200 -5.74 -9.48 -16.09
CA MSE A 200 -4.80 -8.37 -15.86
C MSE A 200 -3.57 -8.49 -16.77
O MSE A 200 -2.82 -7.52 -16.95
CB MSE A 200 -4.43 -8.31 -14.38
CG MSE A 200 -5.63 -7.88 -13.58
SE MSE A 200 -5.59 -8.14 -11.67
CE MSE A 200 -5.65 -6.24 -11.21
N LEU A 201 -3.36 -9.67 -17.35
CA LEU A 201 -2.26 -9.80 -18.29
C LEU A 201 -2.44 -8.77 -19.37
N GLN A 202 -3.69 -8.37 -19.63
CA GLN A 202 -3.96 -7.33 -20.64
C GLN A 202 -4.16 -5.92 -20.04
N ASP A 203 -3.87 -5.73 -18.75
CA ASP A 203 -4.05 -4.40 -18.12
C ASP A 203 -3.19 -3.33 -18.81
N LYS A 204 -3.69 -2.10 -18.89
CA LYS A 204 -2.93 -1.04 -19.51
C LYS A 204 -1.76 -0.59 -18.64
N ASN A 205 -1.82 -0.94 -17.38
CA ASN A 205 -0.80 -0.53 -16.42
C ASN A 205 0.29 -1.58 -16.27
N GLU A 206 1.50 -1.26 -16.76
CA GLU A 206 2.66 -2.17 -16.70
C GLU A 206 2.87 -2.75 -15.31
N GLU A 207 2.72 -1.91 -14.29
CA GLU A 207 2.91 -2.38 -12.92
C GLU A 207 1.93 -3.47 -12.54
N VAL A 208 0.69 -3.34 -13.03
CA VAL A 208 -0.33 -4.33 -12.74
C VAL A 208 -0.01 -5.64 -13.50
N ARG A 209 0.38 -5.54 -14.76
CA ARG A 209 0.71 -6.74 -15.54
C ARG A 209 1.80 -7.52 -14.85
N ILE A 210 2.77 -6.82 -14.30
CA ILE A 210 3.86 -7.50 -13.60
C ILE A 210 3.37 -8.27 -12.39
N GLU A 211 2.52 -7.67 -11.56
CA GLU A 211 2.00 -8.41 -10.41
C GLU A 211 1.15 -9.63 -10.84
N ALA A 212 0.39 -9.48 -11.94
CA ALA A 212 -0.44 -10.59 -12.45
C ALA A 212 0.48 -11.72 -12.90
N ILE A 213 1.54 -11.36 -13.61
CA ILE A 213 2.51 -12.35 -14.06
C ILE A 213 3.16 -13.08 -12.90
N ILE A 214 3.61 -12.35 -11.88
CA ILE A 214 4.24 -13.06 -10.77
C ILE A 214 3.17 -13.85 -10.02
N GLY A 215 1.99 -13.26 -9.89
CA GLY A 215 0.92 -13.97 -9.20
C GLY A 215 0.54 -15.27 -9.90
N LEU A 216 0.37 -15.21 -11.21
CA LEU A 216 -0.02 -16.43 -11.93
C LEU A 216 1.13 -17.43 -11.91
N SER A 217 2.36 -16.97 -12.06
CA SER A 217 3.45 -17.93 -12.06
C SER A 217 3.62 -18.64 -10.69
N TYR A 218 3.54 -17.92 -9.59
CA TYR A 218 3.68 -18.59 -8.31
C TYR A 218 2.58 -19.66 -8.17
N ARG A 219 1.41 -19.36 -8.71
CA ARG A 219 0.27 -20.27 -8.70
C ARG A 219 0.42 -21.40 -9.76
N LYS A 220 1.50 -21.39 -10.54
CA LYS A 220 1.70 -22.46 -11.55
C LYS A 220 0.56 -22.53 -12.58
N ASP A 221 -0.03 -21.40 -12.91
CA ASP A 221 -1.14 -21.35 -13.85
C ASP A 221 -0.58 -21.07 -15.25
N LYS A 222 -0.64 -22.09 -16.11
CA LYS A 222 -0.10 -21.99 -17.46
C LYS A 222 -0.72 -20.96 -18.37
N ARG A 223 -1.83 -20.34 -17.96
CA ARG A 223 -2.36 -19.32 -18.84
C ARG A 223 -1.41 -18.11 -18.93
N VAL A 224 -0.36 -18.05 -18.10
CA VAL A 224 0.55 -16.90 -18.20
C VAL A 224 1.63 -17.13 -19.29
N LEU A 225 1.82 -18.39 -19.70
CA LEU A 225 2.86 -18.72 -20.67
C LEU A 225 3.09 -17.80 -21.86
N SER A 226 2.03 -17.54 -22.60
CA SER A 226 2.18 -16.69 -23.79
C SER A 226 2.79 -15.31 -23.49
N VAL A 227 2.24 -14.60 -22.51
CA VAL A 227 2.75 -13.28 -22.19
C VAL A 227 4.16 -13.40 -21.61
N LEU A 228 4.35 -14.41 -20.78
CA LEU A 228 5.65 -14.60 -20.18
C LEU A 228 6.69 -14.73 -21.30
N CYS A 229 6.42 -15.60 -22.28
CA CYS A 229 7.30 -15.81 -23.43
C CYS A 229 7.62 -14.47 -24.10
N ASP A 230 6.61 -13.64 -24.33
CA ASP A 230 6.86 -12.35 -24.97
C ASP A 230 7.78 -11.43 -24.17
N GLU A 231 7.61 -11.41 -22.86
CA GLU A 231 8.39 -10.56 -21.99
C GLU A 231 9.83 -10.99 -21.94
N LEU A 232 10.07 -12.30 -21.94
CA LEU A 232 11.44 -12.75 -21.89
C LEU A 232 12.17 -12.47 -23.19
N LYS A 233 11.46 -12.16 -24.27
CA LYS A 233 12.17 -11.92 -25.53
C LYS A 233 12.55 -10.46 -25.76
N LYS A 234 12.20 -9.60 -24.83
CA LYS A 234 12.53 -8.20 -24.98
C LYS A 234 14.02 -7.95 -24.81
N ASN A 235 14.46 -6.82 -25.35
CA ASN A 235 15.84 -6.39 -25.29
C ASN A 235 16.17 -6.04 -23.84
N THR A 236 15.21 -5.38 -23.19
CA THR A 236 15.30 -5.00 -21.78
C THR A 236 14.23 -5.87 -21.10
N VAL A 237 14.65 -6.76 -20.20
CA VAL A 237 13.74 -7.67 -19.52
C VAL A 237 13.67 -7.36 -18.02
N TYR A 238 12.49 -7.57 -17.41
CA TYR A 238 12.27 -7.35 -15.98
C TYR A 238 12.74 -8.55 -15.17
N ASP A 239 13.51 -8.27 -14.13
CA ASP A 239 14.04 -9.32 -13.29
C ASP A 239 12.96 -10.21 -12.72
N ASP A 240 11.85 -9.59 -12.33
CA ASP A 240 10.70 -10.31 -11.80
C ASP A 240 10.16 -11.31 -12.88
N ILE A 241 10.23 -10.95 -14.15
CA ILE A 241 9.71 -11.82 -15.20
C ILE A 241 10.58 -13.06 -15.30
N ILE A 242 11.88 -12.85 -15.26
CA ILE A 242 12.80 -13.96 -15.32
C ILE A 242 12.57 -14.85 -14.12
N GLU A 243 12.38 -14.23 -12.97
CA GLU A 243 12.15 -14.97 -11.74
C GLU A 243 10.82 -15.76 -11.78
N ALA A 244 9.77 -15.13 -12.33
CA ALA A 244 8.46 -15.77 -12.46
C ALA A 244 8.61 -16.99 -13.39
N ALA A 245 9.43 -16.83 -14.42
CA ALA A 245 9.67 -17.90 -15.36
C ALA A 245 10.17 -19.14 -14.61
N GLY A 246 11.03 -18.96 -13.60
CA GLY A 246 11.53 -20.11 -12.84
C GLY A 246 10.48 -20.67 -11.90
N GLU A 247 9.68 -19.77 -11.35
CA GLU A 247 8.62 -20.16 -10.43
C GLU A 247 7.49 -20.93 -11.12
N LEU A 248 7.12 -20.56 -12.34
CA LEU A 248 6.04 -21.23 -13.06
C LEU A 248 6.24 -22.75 -13.16
N GLY A 249 7.49 -23.19 -13.27
CA GLY A 249 7.77 -24.63 -13.34
C GLY A 249 7.37 -25.36 -14.62
N ASP A 250 7.31 -24.61 -15.71
CA ASP A 250 6.93 -25.13 -17.02
C ASP A 250 8.20 -25.14 -17.91
N LYS A 251 8.66 -26.34 -18.29
CA LYS A 251 9.89 -26.45 -19.08
C LYS A 251 9.81 -25.89 -20.47
N THR A 252 8.66 -25.36 -20.85
CA THR A 252 8.53 -24.77 -22.16
C THR A 252 9.44 -23.55 -22.25
N LEU A 253 9.78 -22.98 -21.11
CA LEU A 253 10.63 -21.81 -21.08
C LEU A 253 12.13 -22.07 -21.02
N LEU A 254 12.55 -23.33 -20.98
CA LEU A 254 13.97 -23.59 -20.92
C LEU A 254 14.73 -23.11 -22.14
N PRO A 255 14.22 -23.39 -23.35
CA PRO A 255 14.94 -22.95 -24.54
C PRO A 255 15.30 -21.46 -24.55
N VAL A 256 14.29 -20.62 -24.32
CA VAL A 256 14.48 -19.19 -24.31
C VAL A 256 15.40 -18.74 -23.19
N LEU A 257 15.29 -19.40 -22.03
CA LEU A 257 16.14 -19.03 -20.91
C LEU A 257 17.58 -19.33 -21.31
N ASP A 258 17.78 -20.52 -21.87
CA ASP A 258 19.11 -20.91 -22.29
C ASP A 258 19.70 -19.82 -23.21
N THR A 259 18.91 -19.42 -24.20
CA THR A 259 19.29 -18.38 -25.15
C THR A 259 19.71 -17.05 -24.47
N MSE A 260 19.00 -16.70 -23.40
CA MSE A 260 19.24 -15.45 -22.67
C MSE A 260 20.57 -15.46 -21.92
O MSE A 260 21.18 -14.40 -21.72
CB MSE A 260 18.09 -15.19 -21.69
CG MSE A 260 16.74 -15.05 -22.40
SE MSE A 260 15.31 -14.87 -21.11
CE MSE A 260 14.36 -16.54 -21.38
N LEU A 261 21.00 -16.66 -21.53
CA LEU A 261 22.28 -16.81 -20.85
C LEU A 261 23.39 -16.10 -21.65
N TYR A 262 23.33 -16.21 -22.98
CA TYR A 262 24.37 -15.60 -23.82
C TYR A 262 24.03 -14.18 -24.23
N LYS A 263 22.85 -13.72 -23.81
CA LYS A 263 22.35 -12.39 -24.15
C LYS A 263 22.62 -11.31 -23.12
N PHE A 264 22.65 -11.67 -21.84
CA PHE A 264 22.85 -10.70 -20.77
C PHE A 264 24.16 -10.95 -20.02
N ASP A 265 24.95 -9.90 -19.80
CA ASP A 265 26.23 -10.05 -19.12
C ASP A 265 26.13 -10.78 -17.79
N ASP A 266 25.18 -10.40 -16.95
CA ASP A 266 25.00 -11.09 -15.68
C ASP A 266 23.78 -12.00 -15.78
N ASN A 267 24.00 -13.24 -16.15
CA ASN A 267 22.90 -14.18 -16.31
C ASN A 267 22.64 -15.09 -15.12
N GLU A 268 23.16 -14.73 -13.96
CA GLU A 268 22.95 -15.57 -12.80
C GLU A 268 21.46 -15.83 -12.52
N ILE A 269 20.66 -14.76 -12.48
CA ILE A 269 19.24 -14.87 -12.21
C ILE A 269 18.55 -15.81 -13.22
N ILE A 270 19.08 -15.81 -14.43
CA ILE A 270 18.59 -16.67 -15.50
C ILE A 270 18.92 -18.13 -15.12
N THR A 271 20.16 -18.34 -14.70
CA THR A 271 20.59 -19.68 -14.32
C THR A 271 19.76 -20.20 -13.17
N SER A 272 19.38 -19.31 -12.27
CA SER A 272 18.55 -19.70 -11.13
C SER A 272 17.21 -20.26 -11.60
N ALA A 273 16.58 -19.54 -12.49
CA ALA A 273 15.29 -19.94 -13.02
C ALA A 273 15.49 -21.28 -13.70
N ILE A 274 16.56 -21.41 -14.48
CA ILE A 274 16.82 -22.67 -15.16
C ILE A 274 16.99 -23.84 -14.20
N ASP A 275 17.65 -23.60 -13.08
CA ASP A 275 17.88 -24.64 -12.09
C ASP A 275 16.58 -25.13 -11.48
N LYS A 276 15.66 -24.19 -11.27
CA LYS A 276 14.35 -24.51 -10.70
C LYS A 276 13.52 -25.37 -11.66
N LEU A 277 13.58 -25.03 -12.94
CA LEU A 277 12.83 -25.76 -13.96
C LEU A 277 13.31 -27.19 -14.09
N LYS A 278 14.62 -27.34 -14.21
CA LYS A 278 15.19 -28.67 -14.36
C LYS A 278 14.84 -29.57 -13.20
N ARG A 279 14.33 -28.98 -12.13
CA ARG A 279 13.94 -29.74 -10.97
C ARG A 279 12.48 -30.19 -11.12
N SER A 280 12.16 -31.34 -10.52
CA SER A 280 10.83 -31.95 -10.57
C SER A 280 10.64 -32.59 -11.95
#